data_5RZY
#
_entry.id   5RZY
#
_cell.length_a   38.670
_cell.length_b   77.460
_cell.length_c   99.570
_cell.angle_alpha   90.000
_cell.angle_beta   90.000
_cell.angle_gamma   90.000
#
_symmetry.space_group_name_H-M   'P 21 21 21'
#
loop_
_entity.id
_entity.type
_entity.pdbx_description
1 polymer 'Isoform 2 of Band 4.1-like protein 3'
2 non-polymer 6-(ethylamino)pyridine-3-carbonitrile
3 non-polymer 'DIMETHYL SULFOXIDE'
4 non-polymer 1,2-ETHANEDIOL
5 water water
#
_entity_poly.entity_id   1
_entity_poly.type   'polypeptide(L)'
_entity_poly.pdbx_seq_one_letter_code
;SMPKSMQCKVILLDGSEYTCDVEKRSRGQVLFDKVCEHLNLLEKDYFGLTYRDAENQKNWLDPAKEIKKQVRSGAWHFSF
NVKFYPPDPAQLSEDITRYYLCLQLRDDIVSGRLPCSFVTLALLGSYTVQSELGDYDPDECGSDYISEFRFAPNHTKELE
DKVIELHKSHRGMTPAEAEMHFLENAKKLSMYGVDLHHAKDSEGVEIMLGVCASGLLIYRDRLRINRFAWPKVLKISYKR
NNFYIKIRPGEFEQFESTIGFKLPNHRAAKRLWKVCVEHHTFFRLL
;
_entity_poly.pdbx_strand_id   A
#
loop_
_chem_comp.id
_chem_comp.type
_chem_comp.name
_chem_comp.formula
DMS non-polymer 'DIMETHYL SULFOXIDE' 'C2 H6 O S'
EDO non-polymer 1,2-ETHANEDIOL 'C2 H6 O2'
RZS non-polymer 6-(ethylamino)pyridine-3-carbonitrile 'C8 H9 N3'
#
# COMPACT_ATOMS: atom_id res chain seq x y z
N PRO A 3 -0.95 0.30 -36.50
CA PRO A 3 -1.45 -0.02 -35.15
C PRO A 3 -1.02 1.08 -34.15
N LYS A 4 -1.96 1.94 -33.75
CA LYS A 4 -1.65 3.20 -33.03
C LYS A 4 -1.31 2.91 -31.56
N SER A 5 -0.23 3.52 -31.08
N SER A 5 -0.20 3.49 -31.11
CA SER A 5 0.33 3.28 -29.72
CA SER A 5 0.36 3.32 -29.75
C SER A 5 0.37 4.58 -28.91
C SER A 5 0.10 4.60 -28.93
N MET A 6 0.09 4.47 -27.61
CA MET A 6 0.01 5.62 -26.67
C MET A 6 1.22 5.50 -25.76
N GLN A 7 1.87 6.62 -25.50
CA GLN A 7 3.01 6.64 -24.59
C GLN A 7 2.48 6.55 -23.16
N CYS A 8 3.09 5.71 -22.34
CA CYS A 8 2.74 5.55 -20.90
C CYS A 8 3.92 5.97 -20.05
N LYS A 9 3.67 6.75 -18.99
CA LYS A 9 4.68 7.15 -18.01
C LYS A 9 4.29 6.57 -16.64
N VAL A 10 5.22 5.84 -16.03
CA VAL A 10 4.97 5.11 -14.76
C VAL A 10 6.02 5.58 -13.78
N ILE A 11 5.59 6.12 -12.64
CA ILE A 11 6.48 6.46 -11.52
C ILE A 11 6.75 5.16 -10.76
N LEU A 12 7.99 4.74 -10.75
CA LEU A 12 8.44 3.51 -10.05
C LEU A 12 8.67 3.81 -8.57
N LEU A 13 8.82 2.78 -7.75
CA LEU A 13 8.86 3.00 -6.29
C LEU A 13 10.17 3.65 -5.85
N ASP A 14 11.24 3.63 -6.66
CA ASP A 14 12.50 4.36 -6.34
C ASP A 14 12.39 5.82 -6.79
N GLY A 15 11.21 6.25 -7.27
CA GLY A 15 10.94 7.66 -7.64
C GLY A 15 11.32 7.99 -9.08
N SER A 16 11.88 7.03 -9.81
CA SER A 16 12.28 7.23 -11.22
C SER A 16 11.06 6.96 -12.12
N GLU A 17 11.21 7.32 -13.39
CA GLU A 17 10.10 7.29 -14.40
C GLU A 17 10.42 6.23 -15.46
N TYR A 18 9.52 5.28 -15.70
CA TYR A 18 9.60 4.33 -16.84
C TYR A 18 8.62 4.81 -17.89
N THR A 19 9.06 4.89 -19.14
CA THR A 19 8.24 5.26 -20.32
C THR A 19 8.17 4.07 -21.26
N CYS A 20 6.98 3.72 -21.71
CA CYS A 20 6.79 2.68 -22.75
C CYS A 20 5.55 3.02 -23.55
N ASP A 21 5.29 2.25 -24.59
CA ASP A 21 4.19 2.45 -25.53
C ASP A 21 3.36 1.18 -25.49
N VAL A 22 2.06 1.32 -25.58
CA VAL A 22 1.14 0.15 -25.76
C VAL A 22 0.14 0.56 -26.81
N GLU A 23 -0.45 -0.40 -27.50
CA GLU A 23 -1.52 -0.13 -28.47
C GLU A 23 -2.67 0.54 -27.71
N LYS A 24 -3.34 1.52 -28.32
CA LYS A 24 -4.28 2.43 -27.58
C LYS A 24 -5.50 1.65 -27.05
N ARG A 25 -5.82 0.46 -27.60
CA ARG A 25 -6.95 -0.38 -27.12
C ARG A 25 -6.46 -1.41 -26.08
N SER A 26 -5.23 -1.31 -25.63
CA SER A 26 -4.63 -2.27 -24.67
C SER A 26 -5.41 -2.30 -23.35
N ARG A 27 -5.51 -3.50 -22.79
CA ARG A 27 -5.96 -3.76 -21.40
C ARG A 27 -4.84 -3.41 -20.44
N GLY A 28 -5.18 -3.11 -19.19
CA GLY A 28 -4.19 -2.75 -18.16
C GLY A 28 -3.10 -3.80 -18.01
N GLN A 29 -3.44 -5.09 -18.18
CA GLN A 29 -2.47 -6.19 -17.94
C GLN A 29 -1.26 -5.98 -18.83
N VAL A 30 -1.50 -5.51 -20.06
CA VAL A 30 -0.39 -5.33 -21.05
C VAL A 30 0.68 -4.42 -20.45
N LEU A 31 0.29 -3.22 -19.99
CA LEU A 31 1.21 -2.23 -19.39
C LEU A 31 1.83 -2.83 -18.11
N PHE A 32 1.01 -3.39 -17.25
CA PHE A 32 1.52 -4.00 -15.99
C PHE A 32 2.63 -5.03 -16.30
N ASP A 33 2.41 -5.92 -17.28
CA ASP A 33 3.43 -6.95 -17.63
C ASP A 33 4.71 -6.25 -18.07
N LYS A 34 4.63 -5.19 -18.90
CA LYS A 34 5.83 -4.46 -19.35
C LYS A 34 6.54 -3.89 -18.12
N VAL A 35 5.80 -3.31 -17.17
CA VAL A 35 6.47 -2.64 -16.01
C VAL A 35 7.14 -3.73 -15.17
N CYS A 36 6.43 -4.82 -14.92
CA CYS A 36 6.98 -5.93 -14.10
C CYS A 36 8.20 -6.55 -14.76
N GLU A 37 8.22 -6.67 -16.08
CA GLU A 37 9.43 -7.22 -16.76
C GLU A 37 10.59 -6.24 -16.55
N HIS A 38 10.35 -4.95 -16.75
CA HIS A 38 11.39 -3.91 -16.55
C HIS A 38 11.97 -4.06 -15.13
N LEU A 39 11.10 -4.36 -14.15
CA LEU A 39 11.50 -4.44 -12.73
C LEU A 39 12.10 -5.81 -12.37
N ASN A 40 12.09 -6.79 -13.27
CA ASN A 40 12.54 -8.19 -12.99
C ASN A 40 11.68 -8.78 -11.85
N LEU A 41 10.40 -8.47 -11.85
CA LEU A 41 9.45 -8.88 -10.77
C LEU A 41 8.63 -10.06 -11.28
N LEU A 42 8.70 -11.19 -10.57
CA LEU A 42 7.93 -12.42 -10.89
C LEU A 42 6.72 -12.56 -9.99
N GLU A 43 6.85 -12.16 -8.72
CA GLU A 43 5.74 -12.28 -7.76
C GLU A 43 4.83 -11.06 -7.95
N LYS A 44 4.13 -11.01 -9.06
CA LYS A 44 3.40 -9.79 -9.52
C LYS A 44 2.05 -9.60 -8.78
N ASP A 45 1.50 -10.67 -8.19
CA ASP A 45 0.14 -10.73 -7.61
C ASP A 45 -0.07 -9.66 -6.54
N TYR A 46 0.99 -9.21 -5.87
CA TYR A 46 0.89 -8.24 -4.75
C TYR A 46 0.82 -6.79 -5.25
N PHE A 47 1.05 -6.53 -6.54
CA PHE A 47 1.27 -5.15 -7.05
C PHE A 47 0.19 -4.75 -8.06
N GLY A 48 0.17 -3.46 -8.38
CA GLY A 48 -0.67 -2.97 -9.47
C GLY A 48 -0.25 -1.56 -9.86
N LEU A 49 -0.99 -0.99 -10.78
CA LEU A 49 -0.74 0.39 -11.22
C LEU A 49 -1.90 1.24 -10.77
N THR A 50 -1.59 2.48 -10.36
CA THR A 50 -2.54 3.52 -9.89
C THR A 50 -2.52 4.69 -10.87
N TYR A 51 -3.70 5.26 -11.15
CA TYR A 51 -3.83 6.49 -11.94
C TYR A 51 -4.75 7.42 -11.14
N ARG A 52 -4.71 8.70 -11.50
CA ARG A 52 -5.52 9.77 -10.87
C ARG A 52 -6.70 10.01 -11.78
N ASP A 53 -7.93 10.02 -11.26
CA ASP A 53 -9.16 10.22 -12.08
C ASP A 53 -9.38 11.72 -12.20
N ALA A 54 -10.47 12.11 -12.87
CA ALA A 54 -10.81 13.53 -13.13
C ALA A 54 -11.03 14.26 -11.80
N GLU A 55 -11.41 13.54 -10.73
CA GLU A 55 -11.61 14.14 -9.38
C GLU A 55 -10.30 14.13 -8.58
N ASN A 56 -9.18 13.74 -9.19
CA ASN A 56 -7.81 13.58 -8.62
C ASN A 56 -7.79 12.47 -7.55
N GLN A 57 -8.66 11.48 -7.66
CA GLN A 57 -8.66 10.33 -6.72
C GLN A 57 -7.77 9.23 -7.32
N LYS A 58 -6.97 8.59 -6.47
CA LYS A 58 -6.23 7.34 -6.77
C LYS A 58 -7.20 6.22 -7.12
N ASN A 59 -7.00 5.61 -8.27
CA ASN A 59 -7.75 4.42 -8.73
C ASN A 59 -6.75 3.34 -9.07
N TRP A 60 -7.08 2.08 -8.80
CA TRP A 60 -6.34 0.93 -9.34
C TRP A 60 -6.67 0.79 -10.83
N LEU A 61 -5.66 0.63 -11.65
CA LEU A 61 -5.87 0.26 -13.07
C LEU A 61 -6.32 -1.20 -13.08
N ASP A 62 -7.52 -1.45 -13.57
CA ASP A 62 -8.05 -2.82 -13.68
C ASP A 62 -7.34 -3.51 -14.82
N PRO A 63 -6.54 -4.57 -14.57
CA PRO A 63 -5.79 -5.21 -15.64
C PRO A 63 -6.62 -5.90 -16.72
N ALA A 64 -7.88 -6.15 -16.42
CA ALA A 64 -8.82 -6.84 -17.33
C ALA A 64 -9.51 -5.85 -18.27
N LYS A 65 -9.50 -4.56 -17.97
CA LYS A 65 -10.26 -3.54 -18.74
C LYS A 65 -9.33 -2.69 -19.60
N GLU A 66 -9.86 -2.07 -20.67
CA GLU A 66 -9.05 -1.20 -21.54
C GLU A 66 -8.54 -0.02 -20.70
N ILE A 67 -7.29 0.33 -20.92
CA ILE A 67 -6.63 1.49 -20.26
C ILE A 67 -7.40 2.76 -20.61
N LYS A 68 -7.73 2.95 -21.89
CA LYS A 68 -8.43 4.19 -22.33
C LYS A 68 -9.77 4.40 -21.61
N LYS A 69 -10.48 3.31 -21.28
CA LYS A 69 -11.84 3.37 -20.67
C LYS A 69 -11.72 3.61 -19.16
N GLN A 70 -10.50 3.62 -18.63
CA GLN A 70 -10.24 3.93 -17.20
C GLN A 70 -9.70 5.36 -17.08
N VAL A 71 -8.62 5.69 -17.79
CA VAL A 71 -7.96 7.01 -17.69
C VAL A 71 -8.84 8.05 -18.41
N ARG A 72 -9.67 7.58 -19.35
CA ARG A 72 -10.73 8.38 -20.04
C ARG A 72 -10.09 9.67 -20.58
N SER A 73 -10.36 10.79 -19.93
CA SER A 73 -9.97 12.14 -20.41
C SER A 73 -8.55 12.49 -19.93
N GLY A 74 -8.03 11.74 -18.95
CA GLY A 74 -6.75 12.05 -18.29
C GLY A 74 -5.53 11.55 -19.04
N ALA A 75 -4.35 11.93 -18.57
CA ALA A 75 -3.06 11.53 -19.15
C ALA A 75 -2.82 10.06 -18.85
N TRP A 76 -2.00 9.42 -19.66
CA TRP A 76 -1.59 8.00 -19.45
C TRP A 76 -0.36 8.01 -18.53
N HIS A 77 -0.60 8.45 -17.30
CA HIS A 77 0.43 8.55 -16.27
C HIS A 77 -0.04 7.66 -15.12
N PHE A 78 0.90 6.93 -14.57
CA PHE A 78 0.59 5.88 -13.57
C PHE A 78 1.67 5.86 -12.51
N SER A 79 1.40 5.23 -11.36
CA SER A 79 2.42 4.83 -10.38
C SER A 79 2.37 3.31 -10.21
N PHE A 80 3.52 2.71 -9.91
CA PHE A 80 3.64 1.29 -9.60
C PHE A 80 3.57 1.15 -8.09
N ASN A 81 2.63 0.38 -7.56
CA ASN A 81 2.41 0.30 -6.10
C ASN A 81 2.14 -1.14 -5.64
N VAL A 82 2.35 -1.34 -4.36
CA VAL A 82 1.85 -2.55 -3.67
C VAL A 82 0.33 -2.38 -3.53
N LYS A 83 -0.41 -3.37 -3.95
CA LYS A 83 -1.89 -3.43 -3.86
C LYS A 83 -2.29 -4.29 -2.67
N PHE A 84 -1.71 -5.47 -2.52
CA PHE A 84 -1.99 -6.44 -1.43
C PHE A 84 -0.76 -6.60 -0.58
N TYR A 85 -0.78 -6.04 0.63
CA TYR A 85 0.41 -6.10 1.53
C TYR A 85 0.44 -7.46 2.22
N PRO A 86 1.45 -8.31 2.00
CA PRO A 86 1.44 -9.64 2.60
C PRO A 86 1.59 -9.57 4.11
N PRO A 87 0.75 -10.30 4.87
CA PRO A 87 0.86 -10.27 6.33
C PRO A 87 2.18 -10.85 6.81
N ASP A 88 2.75 -11.76 6.06
CA ASP A 88 4.05 -12.37 6.40
C ASP A 88 4.97 -12.31 5.20
N PRO A 89 5.74 -11.21 5.09
CA PRO A 89 6.67 -11.04 3.96
C PRO A 89 7.76 -12.12 3.89
N ALA A 90 8.06 -12.81 4.99
CA ALA A 90 9.08 -13.88 4.99
C ALA A 90 8.65 -15.00 4.04
N GLN A 91 7.34 -15.10 3.77
CA GLN A 91 6.80 -16.21 2.96
C GLN A 91 6.90 -15.87 1.48
N LEU A 92 7.25 -14.63 1.09
CA LEU A 92 7.45 -14.33 -0.35
C LEU A 92 8.63 -15.14 -0.86
N SER A 93 8.58 -15.62 -2.10
CA SER A 93 9.66 -16.53 -2.57
C SER A 93 10.93 -15.74 -2.95
N GLU A 94 10.85 -14.44 -3.32
CA GLU A 94 12.02 -13.75 -3.88
C GLU A 94 12.35 -12.49 -3.06
N ASP A 95 13.63 -12.31 -2.88
CA ASP A 95 14.21 -11.13 -2.23
C ASP A 95 13.78 -9.88 -3.01
N ILE A 96 13.71 -9.92 -4.34
CA ILE A 96 13.39 -8.67 -5.09
C ILE A 96 11.95 -8.26 -4.77
N THR A 97 11.04 -9.19 -4.53
CA THR A 97 9.65 -8.85 -4.13
C THR A 97 9.73 -8.06 -2.84
N ARG A 98 10.52 -8.57 -1.86
CA ARG A 98 10.61 -7.95 -0.52
C ARG A 98 11.20 -6.55 -0.68
N TYR A 99 12.14 -6.40 -1.60
CA TYR A 99 12.78 -5.07 -1.92
C TYR A 99 11.72 -4.07 -2.39
N TYR A 100 10.89 -4.38 -3.37
CA TYR A 100 9.83 -3.44 -3.82
C TYR A 100 8.87 -3.18 -2.67
N LEU A 101 8.52 -4.20 -1.86
CA LEU A 101 7.63 -4.00 -0.70
C LEU A 101 8.26 -3.00 0.28
N CYS A 102 9.57 -3.10 0.55
CA CYS A 102 10.30 -2.12 1.39
C CYS A 102 10.18 -0.74 0.76
N LEU A 103 10.43 -0.60 -0.53
CA LEU A 103 10.37 0.75 -1.13
C LEU A 103 8.96 1.33 -0.94
N GLN A 104 7.93 0.53 -1.16
CA GLN A 104 6.55 1.05 -0.97
C GLN A 104 6.37 1.52 0.48
N LEU A 105 6.79 0.70 1.44
CA LEU A 105 6.61 1.00 2.87
C LEU A 105 7.39 2.24 3.25
N ARG A 106 8.58 2.43 2.72
CA ARG A 106 9.35 3.67 3.00
C ARG A 106 8.51 4.90 2.59
N ASP A 107 7.80 4.86 1.46
CA ASP A 107 6.91 5.95 1.00
C ASP A 107 5.67 6.05 1.89
N ASP A 108 5.11 4.93 2.31
CA ASP A 108 3.98 4.91 3.26
C ASP A 108 4.42 5.63 4.54
N ILE A 109 5.65 5.43 4.99
CA ILE A 109 6.12 6.05 6.24
C ILE A 109 6.37 7.56 6.02
N VAL A 110 7.13 7.91 4.99
CA VAL A 110 7.56 9.34 4.75
C VAL A 110 6.30 10.17 4.55
N SER A 111 5.31 9.61 3.85
CA SER A 111 4.05 10.30 3.48
C SER A 111 3.20 10.54 4.74
N GLY A 112 3.42 9.76 5.81
CA GLY A 112 2.55 9.72 7.01
C GLY A 112 1.33 8.82 6.87
N ARG A 113 1.15 8.08 5.77
CA ARG A 113 0.05 7.07 5.66
C ARG A 113 0.27 5.98 6.70
N LEU A 114 1.53 5.67 7.05
CA LEU A 114 1.80 4.55 7.98
C LEU A 114 2.44 5.14 9.23
N PRO A 115 1.65 5.44 10.28
CA PRO A 115 2.20 6.07 11.46
C PRO A 115 3.15 5.08 12.14
N CYS A 116 4.12 5.63 12.85
N CYS A 116 4.24 5.63 12.67
CA CYS A 116 5.28 4.87 13.36
CA CYS A 116 5.32 4.92 13.38
C CYS A 116 5.91 5.63 14.54
C CYS A 116 5.69 5.67 14.66
N SER A 117 6.20 4.95 15.65
CA SER A 117 6.88 5.55 16.82
C SER A 117 8.28 6.02 16.38
N PHE A 118 8.83 6.96 17.11
CA PHE A 118 10.24 7.39 16.99
C PHE A 118 11.20 6.21 16.88
N VAL A 119 11.14 5.25 17.81
CA VAL A 119 12.11 4.14 17.83
C VAL A 119 11.94 3.29 16.58
N THR A 120 10.71 3.01 16.14
CA THR A 120 10.52 2.17 14.95
C THR A 120 10.93 2.93 13.69
N LEU A 121 10.66 4.23 13.60
CA LEU A 121 11.20 5.07 12.48
C LEU A 121 12.73 4.91 12.40
N ALA A 122 13.42 5.01 13.53
CA ALA A 122 14.90 4.91 13.59
C ALA A 122 15.35 3.48 13.24
N LEU A 123 14.66 2.46 13.73
CA LEU A 123 15.02 1.05 13.43
C LEU A 123 14.83 0.76 11.92
N LEU A 124 13.67 1.10 11.37
CA LEU A 124 13.39 0.93 9.92
C LEU A 124 14.46 1.71 9.12
N GLY A 125 14.76 2.95 9.51
CA GLY A 125 15.78 3.78 8.88
C GLY A 125 17.14 3.07 8.88
N SER A 126 17.56 2.54 10.05
CA SER A 126 18.85 1.85 10.19
C SER A 126 18.94 0.62 9.25
N TYR A 127 17.86 -0.11 9.01
CA TYR A 127 17.88 -1.28 8.12
C TYR A 127 17.99 -0.79 6.66
N THR A 128 17.25 0.25 6.31
CA THR A 128 17.37 0.85 4.95
C THR A 128 18.83 1.28 4.72
N VAL A 129 19.43 1.99 5.68
CA VAL A 129 20.83 2.49 5.50
C VAL A 129 21.73 1.26 5.35
N GLN A 130 21.56 0.23 6.17
CA GLN A 130 22.42 -0.97 6.09
C GLN A 130 22.27 -1.62 4.71
N SER A 131 21.03 -1.80 4.25
N SER A 131 21.03 -1.72 4.22
CA SER A 131 20.73 -2.38 2.92
CA SER A 131 20.67 -2.39 2.94
C SER A 131 21.46 -1.58 1.84
C SER A 131 21.18 -1.57 1.73
N GLU A 132 21.33 -0.24 1.87
CA GLU A 132 21.77 0.60 0.74
C GLU A 132 23.24 1.06 0.83
N LEU A 133 23.79 1.33 2.00
CA LEU A 133 25.22 1.75 2.10
C LEU A 133 26.08 0.60 2.61
N GLY A 134 25.49 -0.45 3.18
CA GLY A 134 26.27 -1.50 3.89
C GLY A 134 26.73 -1.02 5.26
N ASP A 135 27.90 -1.48 5.69
CA ASP A 135 28.35 -1.38 7.09
C ASP A 135 28.54 0.07 7.44
N TYR A 136 28.21 0.45 8.67
CA TYR A 136 28.45 1.80 9.22
C TYR A 136 29.91 2.17 8.97
N ASP A 137 30.14 3.40 8.48
CA ASP A 137 31.48 4.01 8.33
C ASP A 137 31.47 5.39 8.99
N PRO A 138 32.33 5.60 10.02
CA PRO A 138 32.43 6.90 10.68
C PRO A 138 32.90 8.03 9.76
N ASP A 139 33.63 7.70 8.69
CA ASP A 139 34.26 8.69 7.77
C ASP A 139 33.17 9.55 7.11
N GLU A 140 32.02 8.93 6.80
CA GLU A 140 30.90 9.58 6.09
C GLU A 140 30.00 10.31 7.09
N CYS A 141 30.09 9.95 8.37
CA CYS A 141 29.16 10.39 9.44
C CYS A 141 29.93 11.01 10.61
N GLY A 142 29.90 12.34 10.72
CA GLY A 142 30.40 13.09 11.88
C GLY A 142 29.27 13.33 12.87
N SER A 143 29.50 14.15 13.90
CA SER A 143 28.52 14.49 14.96
C SER A 143 27.35 15.27 14.36
N ASP A 144 27.52 15.83 13.14
CA ASP A 144 26.50 16.71 12.50
C ASP A 144 25.90 16.03 11.26
N TYR A 145 25.96 14.70 11.19
CA TYR A 145 25.47 13.95 10.00
C TYR A 145 23.93 14.02 9.88
N ILE A 146 23.46 14.31 8.66
CA ILE A 146 22.05 14.17 8.20
C ILE A 146 22.03 13.36 6.90
N SER A 147 21.37 12.19 6.91
CA SER A 147 21.27 11.24 5.79
C SER A 147 20.49 11.87 4.64
N GLU A 148 20.86 11.53 3.40
CA GLU A 148 20.05 11.90 2.21
C GLU A 148 18.71 11.16 2.27
N PHE A 149 18.66 10.02 2.99
CA PHE A 149 17.49 9.12 3.05
C PHE A 149 16.45 9.88 3.86
N ARG A 150 15.25 9.85 3.34
CA ARG A 150 13.99 10.29 3.98
C ARG A 150 13.50 9.07 4.76
N PHE A 151 13.32 9.26 6.05
CA PHE A 151 12.94 8.21 7.04
C PHE A 151 11.59 8.48 7.69
N ALA A 152 11.06 9.69 7.61
CA ALA A 152 9.89 10.05 8.44
C ALA A 152 9.18 11.26 7.86
N PRO A 153 7.92 11.48 8.26
CA PRO A 153 7.20 12.67 7.81
C PRO A 153 7.85 13.96 8.31
N ASN A 154 8.50 13.89 9.46
CA ASN A 154 9.22 15.05 10.05
C ASN A 154 10.55 14.57 10.61
N HIS A 155 11.63 15.03 9.99
CA HIS A 155 12.99 14.68 10.42
C HIS A 155 13.46 15.59 11.56
N THR A 156 14.12 15.01 12.55
CA THR A 156 14.82 15.72 13.64
C THR A 156 16.25 15.22 13.73
N LYS A 157 17.10 16.02 14.35
CA LYS A 157 18.51 15.62 14.54
C LYS A 157 18.54 14.37 15.43
N GLU A 158 17.67 14.31 16.45
CA GLU A 158 17.61 13.15 17.37
C GLU A 158 17.30 11.91 16.53
N LEU A 159 16.41 12.02 15.53
CA LEU A 159 16.06 10.81 14.75
C LEU A 159 17.29 10.37 13.94
N GLU A 160 17.97 11.31 13.28
CA GLU A 160 19.18 10.99 12.48
C GLU A 160 20.20 10.29 13.37
N ASP A 161 20.35 10.77 14.61
CA ASP A 161 21.34 10.21 15.57
C ASP A 161 20.96 8.77 15.89
N LYS A 162 19.69 8.49 16.10
CA LYS A 162 19.25 7.14 16.53
C LYS A 162 19.40 6.17 15.35
N VAL A 163 19.12 6.61 14.12
CA VAL A 163 19.36 5.79 12.90
C VAL A 163 20.83 5.36 12.91
N ILE A 164 21.75 6.29 13.16
CA ILE A 164 23.21 5.96 13.12
C ILE A 164 23.55 4.96 14.24
N GLU A 165 23.07 5.22 15.47
CA GLU A 165 23.36 4.34 16.63
C GLU A 165 22.90 2.92 16.28
N LEU A 166 21.71 2.77 15.69
CA LEU A 166 21.23 1.42 15.37
C LEU A 166 21.99 0.86 14.18
N HIS A 167 22.33 1.72 13.21
CA HIS A 167 23.10 1.28 12.03
C HIS A 167 24.42 0.63 12.50
N LYS A 168 25.04 1.21 13.51
CA LYS A 168 26.31 0.64 14.00
C LYS A 168 26.14 -0.81 14.44
N SER A 169 24.96 -1.17 14.96
CA SER A 169 24.70 -2.50 15.54
C SER A 169 24.54 -3.53 14.41
N HIS A 170 24.36 -3.11 13.14
CA HIS A 170 24.01 -4.04 12.04
C HIS A 170 25.22 -4.50 11.19
N ARG A 171 26.46 -4.33 11.66
CA ARG A 171 27.68 -4.74 10.88
C ARG A 171 27.59 -6.19 10.41
N GLY A 172 27.89 -6.43 9.14
CA GLY A 172 27.94 -7.75 8.48
C GLY A 172 26.59 -8.13 7.89
N MET A 173 25.59 -7.28 8.05
CA MET A 173 24.22 -7.58 7.59
C MET A 173 24.14 -7.32 6.08
N THR A 174 23.64 -8.30 5.34
CA THR A 174 23.52 -8.21 3.86
C THR A 174 22.20 -7.52 3.53
N PRO A 175 22.08 -6.97 2.29
CA PRO A 175 20.88 -6.22 1.94
C PRO A 175 19.60 -7.03 2.08
N ALA A 176 19.57 -8.30 1.67
CA ALA A 176 18.36 -9.14 1.78
C ALA A 176 17.99 -9.32 3.25
N GLU A 177 19.02 -9.50 4.07
CA GLU A 177 18.86 -9.73 5.53
C GLU A 177 18.27 -8.44 6.16
N ALA A 178 18.78 -7.27 5.81
CA ALA A 178 18.35 -5.96 6.36
C ALA A 178 16.90 -5.67 5.91
N GLU A 179 16.59 -5.96 4.65
CA GLU A 179 15.22 -5.77 4.12
C GLU A 179 14.25 -6.73 4.84
N MET A 180 14.63 -7.98 5.10
CA MET A 180 13.78 -8.90 5.87
C MET A 180 13.54 -8.33 7.27
N HIS A 181 14.55 -7.80 7.97
CA HIS A 181 14.36 -7.18 9.30
C HIS A 181 13.44 -5.96 9.19
N PHE A 182 13.59 -5.19 8.13
CA PHE A 182 12.73 -4.00 7.94
C PHE A 182 11.27 -4.49 7.97
N LEU A 183 10.99 -5.50 7.13
CA LEU A 183 9.63 -6.02 6.96
C LEU A 183 9.09 -6.68 8.25
N GLU A 184 9.93 -7.40 8.99
CA GLU A 184 9.53 -8.05 10.26
C GLU A 184 9.04 -6.99 11.25
N ASN A 185 9.64 -5.79 11.24
CA ASN A 185 9.19 -4.66 12.09
C ASN A 185 7.97 -3.98 11.45
N ALA A 186 8.01 -3.64 10.17
CA ALA A 186 6.94 -2.84 9.54
C ALA A 186 5.59 -3.58 9.62
N LYS A 187 5.61 -4.92 9.46
CA LYS A 187 4.38 -5.75 9.29
C LYS A 187 3.57 -5.71 10.59
N LYS A 188 4.18 -5.29 11.70
CA LYS A 188 3.54 -5.29 13.04
C LYS A 188 2.81 -3.95 13.30
N LEU A 189 3.06 -2.92 12.50
CA LEU A 189 2.51 -1.56 12.74
C LEU A 189 0.99 -1.63 12.55
N SER A 190 0.24 -0.98 13.42
CA SER A 190 -1.23 -1.17 13.44
C SER A 190 -1.84 -0.71 12.11
N MET A 191 -1.18 0.17 11.32
CA MET A 191 -1.77 0.62 10.03
C MET A 191 -1.04 -0.03 8.84
N TYR A 192 -0.23 -1.06 9.05
CA TYR A 192 0.41 -1.79 7.92
C TYR A 192 -0.62 -2.34 6.95
N GLY A 193 -0.52 -1.91 5.69
CA GLY A 193 -1.33 -2.40 4.58
C GLY A 193 -2.81 -2.04 4.71
N VAL A 194 -3.13 -1.01 5.50
CA VAL A 194 -4.54 -0.56 5.68
C VAL A 194 -4.80 0.55 4.67
N ASP A 195 -5.75 0.32 3.75
CA ASP A 195 -6.22 1.31 2.75
C ASP A 195 -7.41 2.03 3.38
N LEU A 196 -7.25 3.32 3.74
CA LEU A 196 -8.27 4.13 4.46
C LEU A 196 -9.21 4.85 3.49
N HIS A 197 -10.51 4.76 3.77
CA HIS A 197 -11.57 5.47 3.02
C HIS A 197 -12.40 6.31 3.98
N HIS A 198 -12.49 7.63 3.76
CA HIS A 198 -13.41 8.54 4.50
C HIS A 198 -14.87 8.13 4.23
N ALA A 199 -15.71 8.06 5.26
CA ALA A 199 -17.14 7.70 5.13
C ALA A 199 -17.92 8.28 6.32
N LYS A 200 -19.24 8.14 6.26
CA LYS A 200 -20.14 8.45 7.39
C LYS A 200 -20.93 7.19 7.72
N ASP A 201 -21.19 6.97 9.01
CA ASP A 201 -22.00 5.81 9.43
C ASP A 201 -23.46 6.16 9.16
N SER A 202 -24.37 5.21 9.39
CA SER A 202 -25.85 5.36 9.22
C SER A 202 -26.40 6.53 10.03
N GLU A 203 -25.64 7.10 10.97
CA GLU A 203 -26.11 8.25 11.79
C GLU A 203 -25.55 9.58 11.26
N GLY A 204 -24.69 9.56 10.22
CA GLY A 204 -24.01 10.77 9.71
C GLY A 204 -22.68 11.09 10.40
N VAL A 205 -22.20 10.25 11.32
CA VAL A 205 -20.92 10.48 12.06
C VAL A 205 -19.76 10.11 11.13
N GLU A 206 -18.73 10.93 11.09
CA GLU A 206 -17.54 10.80 10.20
C GLU A 206 -16.66 9.69 10.76
N ILE A 207 -16.40 8.66 9.95
CA ILE A 207 -15.54 7.50 10.33
C ILE A 207 -14.50 7.31 9.21
N MET A 208 -13.55 6.41 9.45
CA MET A 208 -12.68 5.86 8.38
C MET A 208 -12.98 4.38 8.29
N LEU A 209 -13.05 3.89 7.06
CA LEU A 209 -13.09 2.45 6.77
C LEU A 209 -11.70 2.02 6.30
N GLY A 210 -11.12 0.99 6.92
CA GLY A 210 -9.80 0.46 6.53
C GLY A 210 -9.96 -0.87 5.84
N VAL A 211 -9.32 -1.03 4.69
CA VAL A 211 -9.37 -2.33 3.95
C VAL A 211 -7.98 -2.98 4.05
N CYS A 212 -7.91 -4.21 4.52
CA CYS A 212 -6.61 -4.90 4.64
C CYS A 212 -6.80 -6.42 4.63
N ALA A 213 -5.69 -7.14 4.78
CA ALA A 213 -5.65 -8.62 4.75
C ALA A 213 -6.68 -9.21 5.73
N SER A 214 -6.80 -8.64 6.92
CA SER A 214 -7.54 -9.29 8.04
C SER A 214 -9.01 -8.87 7.99
N GLY A 215 -9.36 -7.90 7.17
CA GLY A 215 -10.80 -7.66 6.91
C GLY A 215 -11.09 -6.19 6.72
N LEU A 216 -12.26 -5.77 7.17
CA LEU A 216 -12.69 -4.37 7.05
C LEU A 216 -12.68 -3.78 8.46
N LEU A 217 -11.98 -2.67 8.66
CA LEU A 217 -11.88 -2.02 9.99
C LEU A 217 -12.70 -0.72 9.94
N ILE A 218 -13.45 -0.45 11.00
CA ILE A 218 -14.21 0.82 11.14
C ILE A 218 -13.53 1.57 12.28
N TYR A 219 -12.91 2.71 11.95
CA TYR A 219 -12.31 3.65 12.95
C TYR A 219 -13.34 4.75 13.25
N ARG A 220 -13.88 4.76 14.46
CA ARG A 220 -15.01 5.63 14.88
C ARG A 220 -14.50 6.80 15.71
N ASP A 221 -13.90 6.55 16.88
CA ASP A 221 -13.50 7.61 17.86
C ASP A 221 -12.35 7.12 18.74
N ARG A 222 -11.32 6.52 18.11
CA ARG A 222 -10.05 6.06 18.73
C ARG A 222 -10.33 4.86 19.66
N LEU A 223 -11.27 5.00 20.60
CA LEU A 223 -11.59 3.92 21.58
C LEU A 223 -12.53 2.90 20.94
N ARG A 224 -13.37 3.34 20.00
CA ARG A 224 -14.35 2.47 19.30
C ARG A 224 -13.86 2.15 17.88
N ILE A 225 -13.26 0.97 17.72
CA ILE A 225 -12.73 0.42 16.44
C ILE A 225 -13.36 -0.97 16.21
N ASN A 226 -14.24 -1.08 15.22
CA ASN A 226 -14.94 -2.34 14.87
C ASN A 226 -14.16 -3.04 13.75
N ARG A 227 -14.10 -4.36 13.76
CA ARG A 227 -13.36 -5.18 12.77
C ARG A 227 -14.25 -6.32 12.27
N PHE A 228 -14.31 -6.51 10.96
CA PHE A 228 -15.09 -7.59 10.33
C PHE A 228 -14.09 -8.44 9.55
N ALA A 229 -13.65 -9.57 10.12
CA ALA A 229 -12.79 -10.56 9.42
C ALA A 229 -13.44 -10.87 8.07
N TRP A 230 -12.66 -11.03 7.02
CA TRP A 230 -13.22 -11.33 5.67
C TRP A 230 -14.18 -12.52 5.73
N PRO A 231 -13.86 -13.63 6.44
CA PRO A 231 -14.78 -14.76 6.51
C PRO A 231 -16.19 -14.38 7.00
N LYS A 232 -16.34 -13.37 7.86
CA LYS A 232 -17.64 -12.93 8.40
C LYS A 232 -18.43 -12.04 7.41
N VAL A 233 -17.93 -11.82 6.19
CA VAL A 233 -18.56 -10.91 5.19
C VAL A 233 -19.04 -11.74 4.01
N LEU A 234 -20.36 -11.85 3.81
CA LEU A 234 -20.94 -12.72 2.75
C LEU A 234 -21.13 -11.92 1.45
N LYS A 235 -21.52 -10.66 1.56
CA LYS A 235 -21.81 -9.81 0.38
C LYS A 235 -21.36 -8.37 0.66
N ILE A 236 -20.76 -7.80 -0.38
CA ILE A 236 -20.30 -6.39 -0.44
C ILE A 236 -21.10 -5.76 -1.57
N SER A 237 -21.77 -4.65 -1.31
CA SER A 237 -22.62 -3.99 -2.34
C SER A 237 -22.48 -2.47 -2.23
N TYR A 238 -22.86 -1.74 -3.27
CA TYR A 238 -22.95 -0.27 -3.25
C TYR A 238 -24.19 0.13 -4.05
N LYS A 239 -24.74 1.30 -3.73
CA LYS A 239 -25.89 1.87 -4.47
C LYS A 239 -25.88 3.36 -4.20
N ARG A 240 -25.91 4.18 -5.24
CA ARG A 240 -25.77 5.66 -5.15
C ARG A 240 -24.50 5.96 -4.34
N ASN A 241 -24.58 6.73 -3.25
CA ASN A 241 -23.40 7.15 -2.45
C ASN A 241 -23.20 6.18 -1.29
N ASN A 242 -23.86 5.02 -1.32
CA ASN A 242 -23.94 4.12 -0.13
C ASN A 242 -23.15 2.84 -0.35
N PHE A 243 -22.50 2.39 0.72
CA PHE A 243 -21.71 1.14 0.74
C PHE A 243 -22.33 0.25 1.82
N TYR A 244 -22.52 -1.03 1.50
CA TYR A 244 -23.17 -2.06 2.37
C TYR A 244 -22.31 -3.31 2.50
N ILE A 245 -22.19 -3.84 3.72
CA ILE A 245 -21.67 -5.22 3.93
C ILE A 245 -22.75 -6.05 4.65
N LYS A 246 -22.92 -7.28 4.19
CA LYS A 246 -23.79 -8.33 4.83
C LYS A 246 -22.92 -9.11 5.83
N ILE A 247 -23.11 -8.87 7.14
CA ILE A 247 -22.38 -9.56 8.28
C ILE A 247 -23.12 -10.85 8.69
N ARG A 248 -22.53 -12.01 8.34
CA ARG A 248 -23.03 -13.41 8.49
C ARG A 248 -23.76 -13.58 9.82
N PRO A 249 -24.84 -14.39 9.92
CA PRO A 249 -25.48 -14.63 11.21
C PRO A 249 -24.49 -15.30 12.17
N GLY A 250 -24.33 -14.73 13.37
CA GLY A 250 -23.76 -15.44 14.54
C GLY A 250 -24.49 -16.77 14.78
N GLU A 251 -23.84 -17.73 15.44
CA GLU A 251 -24.46 -19.03 15.79
C GLU A 251 -25.83 -18.76 16.41
N PHE A 252 -26.86 -19.47 15.96
CA PHE A 252 -28.22 -19.49 16.58
C PHE A 252 -28.95 -18.17 16.32
N GLU A 253 -28.39 -17.25 15.52
CA GLU A 253 -29.11 -16.01 15.09
C GLU A 253 -29.86 -16.37 13.80
N GLN A 254 -31.10 -15.88 13.64
CA GLN A 254 -31.98 -16.25 12.49
C GLN A 254 -31.51 -15.53 11.21
N PHE A 255 -30.99 -14.30 11.31
CA PHE A 255 -30.79 -13.42 10.12
C PHE A 255 -29.39 -12.83 10.08
N GLU A 256 -28.88 -12.70 8.84
CA GLU A 256 -27.74 -11.84 8.43
C GLU A 256 -28.02 -10.42 8.93
N SER A 257 -27.00 -9.63 9.33
CA SER A 257 -27.15 -8.20 9.68
C SER A 257 -26.45 -7.30 8.63
N THR A 258 -27.06 -6.16 8.28
CA THR A 258 -26.57 -5.29 7.17
C THR A 258 -25.98 -4.04 7.82
N ILE A 259 -24.79 -3.61 7.38
CA ILE A 259 -24.26 -2.31 7.89
C ILE A 259 -24.01 -1.40 6.69
N GLY A 260 -24.40 -0.14 6.87
CA GLY A 260 -24.57 0.85 5.81
C GLY A 260 -23.69 2.04 6.04
N PHE A 261 -22.97 2.48 5.00
CA PHE A 261 -22.13 3.70 5.08
C PHE A 261 -22.43 4.65 3.93
N LYS A 262 -22.26 5.94 4.22
CA LYS A 262 -22.36 7.06 3.25
C LYS A 262 -20.95 7.42 2.79
N LEU A 263 -20.73 7.35 1.49
CA LEU A 263 -19.43 7.78 0.91
C LEU A 263 -19.61 9.18 0.29
N PRO A 264 -18.50 9.91 0.08
CA PRO A 264 -18.56 11.29 -0.42
C PRO A 264 -19.33 11.36 -1.74
N ASN A 265 -19.22 10.34 -2.58
CA ASN A 265 -19.95 10.34 -3.87
C ASN A 265 -20.01 8.92 -4.40
N HIS A 266 -20.67 8.75 -5.53
CA HIS A 266 -20.98 7.44 -6.10
C HIS A 266 -19.69 6.74 -6.54
N ARG A 267 -18.71 7.50 -7.01
CA ARG A 267 -17.44 6.87 -7.49
C ARG A 267 -16.66 6.35 -6.29
N ALA A 268 -16.65 7.11 -5.18
CA ALA A 268 -16.00 6.71 -3.91
C ALA A 268 -16.62 5.43 -3.36
N ALA A 269 -17.94 5.27 -3.45
CA ALA A 269 -18.67 4.05 -3.02
C ALA A 269 -18.29 2.86 -3.91
N LYS A 270 -18.20 3.04 -5.22
CA LYS A 270 -17.85 1.94 -6.14
C LYS A 270 -16.38 1.50 -5.91
N ARG A 271 -15.49 2.47 -5.78
CA ARG A 271 -14.05 2.24 -5.54
C ARG A 271 -13.88 1.44 -4.23
N LEU A 272 -14.56 1.84 -3.16
CA LEU A 272 -14.49 1.10 -1.86
C LEU A 272 -15.02 -0.32 -2.05
N TRP A 273 -16.17 -0.51 -2.73
CA TRP A 273 -16.73 -1.85 -3.03
C TRP A 273 -15.67 -2.72 -3.74
N LYS A 274 -15.04 -2.21 -4.78
CA LYS A 274 -14.14 -3.01 -5.65
C LYS A 274 -12.87 -3.37 -4.88
N VAL A 275 -12.30 -2.46 -4.11
CA VAL A 275 -11.09 -2.79 -3.30
C VAL A 275 -11.46 -3.83 -2.23
N CYS A 276 -12.64 -3.78 -1.65
CA CYS A 276 -13.11 -4.77 -0.66
C CYS A 276 -13.24 -6.15 -1.31
N VAL A 277 -13.93 -6.25 -2.45
CA VAL A 277 -14.08 -7.53 -3.22
C VAL A 277 -12.70 -8.08 -3.54
N GLU A 278 -11.80 -7.23 -4.04
CA GLU A 278 -10.45 -7.71 -4.43
C GLU A 278 -9.70 -8.21 -3.20
N HIS A 279 -9.70 -7.47 -2.07
CA HIS A 279 -9.06 -7.93 -0.81
C HIS A 279 -9.73 -9.24 -0.33
N HIS A 280 -11.05 -9.35 -0.40
CA HIS A 280 -11.80 -10.56 0.07
C HIS A 280 -11.32 -11.78 -0.71
N THR A 281 -11.27 -11.66 -2.04
CA THR A 281 -10.83 -12.75 -2.95
C THR A 281 -9.37 -13.09 -2.66
N PHE A 282 -8.52 -12.07 -2.64
CA PHE A 282 -7.06 -12.28 -2.50
C PHE A 282 -6.79 -13.02 -1.20
N PHE A 283 -7.35 -12.53 -0.10
CA PHE A 283 -6.95 -13.00 1.26
C PHE A 283 -7.85 -14.16 1.72
N ARG A 284 -8.86 -14.54 0.93
CA ARG A 284 -9.55 -15.87 1.01
C ARG A 284 -8.64 -16.97 0.44
N LEU A 285 -7.82 -16.67 -0.58
CA LEU A 285 -7.05 -17.67 -1.37
C LEU A 285 -5.63 -17.83 -0.82
N LEU A 286 -5.04 -16.77 -0.25
CA LEU A 286 -3.59 -16.66 0.04
C LEU A 286 -3.19 -17.81 0.96
C10 RZS B . -6.75 3.07 -5.49
C01 RZS B . -0.89 3.25 -4.32
C02 RZS B . -2.26 3.57 -3.80
C04 RZS B . -4.59 3.21 -4.63
C05 RZS B . -5.08 3.11 -3.30
C06 RZS B . -6.41 2.98 -3.11
C07 RZS B . -7.26 2.98 -4.20
C08 RZS B . -8.62 2.90 -3.98
N03 RZS B . -3.27 3.40 -4.88
N09 RZS B . -9.71 2.85 -3.73
N11 RZS B . -5.43 3.18 -5.75
S DMS C . 7.42 7.63 -5.53
O DMS C . 7.35 6.42 -4.62
C1 DMS C . 6.23 8.80 -4.89
C2 DMS C . 8.90 8.51 -5.07
S DMS D . -3.74 -5.04 11.10
O DMS D . -2.76 -4.84 12.23
C1 DMS D . -3.15 -4.02 9.78
C2 DMS D . -5.18 -4.11 11.53
C1 EDO E . 15.66 -15.89 -4.02
O1 EDO E . 15.41 -14.49 -4.05
C2 EDO E . 16.00 -16.38 -2.67
O2 EDO E . 15.06 -16.07 -1.63
C1 EDO F . -3.89 6.80 4.43
O1 EDO F . -4.61 7.54 3.44
C2 EDO F . -3.69 5.35 4.11
O2 EDO F . -4.77 4.67 3.47
C1 EDO G . 14.60 8.80 0.19
O1 EDO G . 15.90 9.30 0.30
C2 EDO G . 14.45 7.55 0.95
O2 EDO G . 13.15 7.23 1.46
C1 EDO H . -18.62 14.03 -12.14
O1 EDO H . -18.23 14.82 -13.25
C2 EDO H . -17.70 12.88 -11.85
O2 EDO H . -18.27 11.59 -12.10
C1 EDO I . -0.95 2.31 2.89
O1 EDO I . -0.82 3.31 1.92
C2 EDO I . -1.80 1.19 2.46
O2 EDO I . -2.55 1.56 1.31
#